data_7GSY
#
_entry.id   7GSY
#
_cell.length_a   90.373
_cell.length_b   90.373
_cell.length_c   107.060
_cell.angle_alpha   90.000
_cell.angle_beta   90.000
_cell.angle_gamma   120.000
#
_symmetry.space_group_name_H-M   'P 31 2 1'
#
loop_
_entity.id
_entity.type
_entity.pdbx_description
1 polymer 'Tyrosine-protein phosphatase non-receptor type 1'
2 non-polymer 2-AMINO-2-HYDROXYMETHYL-PROPANE-1,3-DIOL
3 non-polymer 4-[(pyridin-2-yl)oxy]benzonitrile
4 water water
#
_entity_poly.entity_id   1
_entity_poly.type   'polypeptide(L)'
_entity_poly.pdbx_seq_one_letter_code
;MEMEKEFEQIDKSGSWAAIYQDIRHEASDFPSRVAKLPKNKNRNRYRDVSPFDHSRIKLHQEDNDYINASLIKMEEAQRS
YILTQGPLPNTVGHFWEMVWEQKSRGVVMLNRVMEKGSLKCAQYWPQKEEKEMIFEDTNLKLTLISEDIKSYYTVRQLEL
ENLTTQETREILHFHYTTWPDFGVPESPASFLNFLFKVRESGSLSPEHGPVVVHCSAGIGRSGTFCLADTCLLLMDKRKD
PSSVDIKKVLLEMRKFRMGLIQTADQLRFSYLAVIEGAKFIMGDSSVQDQWKELSHEDLEPPPEHIPPPPRPPKRILEPH
N
;
_entity_poly.pdbx_strand_id   A
#
loop_
_chem_comp.id
_chem_comp.type
_chem_comp.name
_chem_comp.formula
A1ABF non-polymer 4-[(pyridin-2-yl)oxy]benzonitrile 'C12 H8 N2 O'
TRS non-polymer 2-AMINO-2-HYDROXYMETHYL-PROPANE-1,3-DIOL 'C4 H12 N O3 1'
#
# COMPACT_ATOMS: atom_id res chain seq x y z
N MET A 1 18.40 20.43 -0.98
CA MET A 1 18.08 21.18 0.27
C MET A 1 17.59 20.20 1.34
N GLU A 2 18.40 19.94 2.37
CA GLU A 2 18.02 19.11 3.55
C GLU A 2 16.49 19.26 3.73
N MET A 3 15.77 18.14 3.76
CA MET A 3 14.29 18.13 3.82
C MET A 3 13.79 18.66 5.17
N GLU A 4 14.57 18.46 6.25
CA GLU A 4 14.29 18.97 7.62
C GLU A 4 14.23 20.50 7.65
N LYS A 5 15.00 21.18 6.80
CA LYS A 5 15.04 22.66 6.71
C LYS A 5 13.89 23.09 5.80
N GLU A 6 13.75 22.45 4.63
CA GLU A 6 12.59 22.63 3.73
C GLU A 6 11.29 22.52 4.56
N PHE A 7 11.26 21.60 5.54
CA PHE A 7 10.08 21.27 6.38
C PHE A 7 9.68 22.46 7.25
N GLU A 8 10.65 22.95 8.03
CA GLU A 8 10.49 24.10 8.95
C GLU A 8 10.10 25.35 8.15
N GLN A 9 10.68 25.53 6.96
CA GLN A 9 10.38 26.66 6.04
C GLN A 9 8.91 26.59 5.59
N ILE A 10 8.41 25.41 5.19
CA ILE A 10 6.98 25.25 4.77
C ILE A 10 6.08 25.47 6.00
N ASP A 11 6.48 24.95 7.17
CA ASP A 11 5.65 25.00 8.40
C ASP A 11 5.53 26.45 8.85
N LYS A 12 6.65 27.14 9.01
CA LYS A 12 6.65 28.57 9.46
C LYS A 12 5.84 29.42 8.46
N SER A 13 5.92 29.13 7.16
CA SER A 13 5.18 29.89 6.10
C SER A 13 3.74 29.36 5.96
N GLY A 14 3.42 28.20 6.55
CA GLY A 14 2.11 27.54 6.39
C GLY A 14 1.73 27.42 4.92
N SER A 15 2.58 26.85 4.08
CA SER A 15 2.32 26.70 2.62
C SER A 15 2.06 25.23 2.24
N TRP A 16 1.68 24.37 3.18
CA TRP A 16 1.52 22.93 2.86
C TRP A 16 0.54 22.77 1.69
N ALA A 17 -0.58 23.48 1.72
CA ALA A 17 -1.64 23.39 0.69
C ALA A 17 -1.09 23.77 -0.69
N ALA A 18 -0.21 24.77 -0.76
CA ALA A 18 0.38 25.28 -2.01
C ALA A 18 1.40 24.31 -2.61
N ILE A 19 2.31 23.75 -1.78
CA ILE A 19 3.20 22.62 -2.19
C ILE A 19 2.31 21.50 -2.76
N TYR A 20 1.27 21.09 -2.01
CA TYR A 20 0.49 19.87 -2.37
C TYR A 20 -0.13 20.10 -3.76
N GLN A 21 -0.72 21.27 -4.00
CA GLN A 21 -1.39 21.59 -5.30
C GLN A 21 -0.38 21.61 -6.43
N ASP A 22 0.86 22.05 -6.20
CA ASP A 22 1.94 22.03 -7.24
C ASP A 22 2.18 20.58 -7.73
N ILE A 23 2.27 19.64 -6.79
CA ILE A 23 2.36 18.18 -7.10
C ILE A 23 1.15 17.74 -7.93
N ARG A 24 -0.07 18.04 -7.48
CA ARG A 24 -1.30 17.65 -8.20
C ARG A 24 -1.22 18.18 -9.64
N HIS A 25 -0.76 19.41 -9.81
CA HIS A 25 -0.64 20.08 -11.13
C HIS A 25 0.39 19.37 -12.04
N GLU A 26 1.52 18.90 -11.50
CA GLU A 26 2.64 18.35 -12.32
C GLU A 26 2.48 16.84 -12.49
N ALA A 27 1.56 16.20 -11.78
CA ALA A 27 1.44 14.73 -11.76
C ALA A 27 1.09 14.22 -13.17
N SER A 28 1.56 13.03 -13.50
CA SER A 28 1.31 12.31 -14.75
C SER A 28 -0.18 12.04 -14.94
N ASP A 29 -0.60 11.97 -16.20
CA ASP A 29 -1.98 11.58 -16.61
C ASP A 29 -1.86 10.61 -17.78
N PHE A 30 -2.27 9.36 -17.58
CA PHE A 30 -2.16 8.27 -18.57
C PHE A 30 -3.56 7.68 -18.69
N PRO A 31 -3.86 6.99 -19.81
CA PRO A 31 -5.17 6.35 -19.97
C PRO A 31 -5.43 5.20 -18.98
N SER A 32 -6.70 5.10 -18.55
CA SER A 32 -7.31 4.03 -17.71
C SER A 32 -8.51 3.43 -18.45
N ARG A 33 -8.36 3.03 -19.69
CA ARG A 33 -9.51 2.56 -20.51
C ARG A 33 -10.07 1.23 -19.98
N VAL A 34 -9.24 0.29 -19.54
CA VAL A 34 -9.78 -1.02 -19.10
C VAL A 34 -10.67 -0.81 -17.85
N ALA A 35 -10.23 0.01 -16.90
CA ALA A 35 -10.94 0.32 -15.65
C ALA A 35 -12.35 0.86 -15.96
N LYS A 36 -12.53 1.58 -17.07
CA LYS A 36 -13.80 2.31 -17.34
C LYS A 36 -14.72 1.48 -18.23
N LEU A 37 -14.32 0.30 -18.70
CA LEU A 37 -15.23 -0.60 -19.45
C LEU A 37 -16.46 -0.88 -18.58
N PRO A 38 -17.65 -0.95 -19.19
CA PRO A 38 -18.89 -1.20 -18.43
C PRO A 38 -18.91 -2.55 -17.70
N LYS A 39 -18.28 -3.59 -18.25
CA LYS A 39 -18.19 -4.93 -17.60
C LYS A 39 -17.42 -4.81 -16.27
N ASN A 40 -16.69 -3.72 -15.98
CA ASN A 40 -15.79 -3.65 -14.79
C ASN A 40 -16.35 -2.69 -13.76
N LYS A 41 -17.56 -2.19 -13.93
CA LYS A 41 -18.09 -1.14 -13.04
C LYS A 41 -18.16 -1.65 -11.58
N ASN A 42 -18.59 -2.89 -11.34
CA ASN A 42 -18.69 -3.44 -9.96
C ASN A 42 -17.31 -3.99 -9.49
N ARG A 43 -16.22 -3.74 -10.21
CA ARG A 43 -14.85 -4.16 -9.77
C ARG A 43 -14.11 -2.94 -9.20
N ASN A 44 -14.78 -1.79 -9.16
CA ASN A 44 -14.20 -0.50 -8.74
C ASN A 44 -14.98 0.05 -7.57
N ARG A 45 -14.30 0.40 -6.50
CA ARG A 45 -14.93 0.92 -5.28
C ARG A 45 -15.28 2.40 -5.52
N TYR A 46 -14.34 3.18 -6.07
CA TYR A 46 -14.54 4.62 -6.35
C TYR A 46 -14.40 4.89 -7.85
N ARG A 47 -15.31 5.73 -8.33
CA ARG A 47 -15.44 6.10 -9.76
C ARG A 47 -14.25 6.94 -10.21
N ASP A 48 -13.64 7.72 -9.31
CA ASP A 48 -12.50 8.63 -9.62
C ASP A 48 -11.11 8.01 -9.29
N VAL A 49 -11.00 6.72 -8.93
CA VAL A 49 -9.71 6.02 -8.63
C VAL A 49 -9.58 4.77 -9.49
N SER A 50 -8.71 4.84 -10.48
CA SER A 50 -8.51 3.78 -11.49
C SER A 50 -7.03 3.58 -11.69
N PRO A 51 -6.63 2.33 -11.96
CA PRO A 51 -5.25 2.03 -12.33
C PRO A 51 -5.03 2.42 -13.80
N PHE A 52 -3.85 2.97 -14.12
CA PHE A 52 -3.41 3.27 -15.50
C PHE A 52 -3.27 1.95 -16.26
N ASP A 53 -3.63 1.92 -17.54
CA ASP A 53 -3.46 0.70 -18.37
C ASP A 53 -2.00 0.22 -18.35
N HIS A 54 -1.01 1.11 -18.47
CA HIS A 54 0.38 0.67 -18.69
C HIS A 54 0.91 -0.11 -17.47
N SER A 55 0.39 0.13 -16.26
CA SER A 55 0.98 -0.38 -14.98
C SER A 55 -0.03 -1.28 -14.22
N ARG A 56 -1.20 -1.58 -14.78
CA ARG A 56 -2.24 -2.34 -14.01
C ARG A 56 -1.75 -3.78 -13.86
N ILE A 57 -2.16 -4.45 -12.76
CA ILE A 57 -1.93 -5.90 -12.58
C ILE A 57 -3.00 -6.65 -13.36
N LYS A 58 -2.58 -7.62 -14.16
CA LYS A 58 -3.53 -8.54 -14.85
C LYS A 58 -3.69 -9.87 -14.08
N LEU A 59 -4.95 -10.24 -13.86
CA LEU A 59 -5.33 -11.61 -13.45
C LEU A 59 -5.06 -12.61 -14.58
N HIS A 60 -4.56 -13.80 -14.26
CA HIS A 60 -4.23 -14.85 -15.25
C HIS A 60 -5.49 -15.67 -15.52
N GLN A 61 -6.48 -15.08 -16.15
CA GLN A 61 -7.66 -15.82 -16.67
C GLN A 61 -8.20 -15.09 -17.90
N GLU A 62 -8.77 -15.86 -18.82
CA GLU A 62 -9.16 -15.43 -20.19
C GLU A 62 -10.48 -14.63 -20.11
N ASP A 63 -11.38 -15.03 -19.20
CA ASP A 63 -12.68 -14.38 -18.91
C ASP A 63 -12.46 -12.86 -18.84
N ASN A 64 -12.06 -12.35 -17.68
CA ASN A 64 -11.89 -10.90 -17.40
C ASN A 64 -10.64 -10.75 -16.53
N ASP A 65 -9.61 -10.07 -17.01
CA ASP A 65 -8.28 -10.04 -16.34
C ASP A 65 -8.19 -8.82 -15.41
N TYR A 66 -9.30 -8.11 -15.19
CA TYR A 66 -9.26 -6.77 -14.54
C TYR A 66 -9.35 -6.86 -13.00
N ILE A 67 -8.44 -6.13 -12.34
CA ILE A 67 -8.52 -5.77 -10.90
C ILE A 67 -8.03 -4.33 -10.73
N ASN A 68 -8.59 -3.62 -9.75
CA ASN A 68 -8.15 -2.26 -9.39
C ASN A 68 -6.85 -2.36 -8.56
N ALA A 69 -5.70 -2.54 -9.23
CA ALA A 69 -4.35 -2.71 -8.63
C ALA A 69 -3.28 -2.27 -9.66
N SER A 70 -2.19 -1.71 -9.15
CA SER A 70 -1.09 -1.12 -9.95
C SER A 70 0.26 -1.60 -9.42
N LEU A 71 1.21 -1.87 -10.32
CA LEU A 71 2.62 -2.19 -9.98
C LEU A 71 3.45 -0.91 -9.94
N ILE A 72 3.91 -0.47 -8.76
CA ILE A 72 4.87 0.64 -8.60
C ILE A 72 6.30 0.05 -8.60
N LYS A 73 7.11 0.30 -9.65
CA LYS A 73 8.50 -0.23 -9.76
C LYS A 73 9.47 0.94 -9.62
N MET A 74 10.20 0.98 -8.49
CA MET A 74 11.24 2.02 -8.21
C MET A 74 12.61 1.43 -8.60
N GLU A 75 13.40 2.17 -9.39
CA GLU A 75 14.61 1.61 -10.04
C GLU A 75 15.84 1.78 -9.15
N GLU A 76 16.21 3.01 -8.78
CA GLU A 76 17.45 3.26 -7.99
C GLU A 76 17.35 2.60 -6.62
N ALA A 77 16.14 2.59 -6.03
CA ALA A 77 15.86 2.03 -4.69
C ALA A 77 15.73 0.50 -4.78
N GLN A 78 15.40 -0.02 -5.96
CA GLN A 78 15.20 -1.48 -6.23
C GLN A 78 14.16 -2.06 -5.25
N ARG A 79 12.94 -1.54 -5.33
CA ARG A 79 11.74 -2.04 -4.61
C ARG A 79 10.57 -2.01 -5.58
N SER A 80 9.70 -3.00 -5.49
CA SER A 80 8.38 -3.04 -6.16
C SER A 80 7.27 -3.12 -5.10
N TYR A 81 6.14 -2.46 -5.35
CA TYR A 81 4.91 -2.60 -4.53
C TYR A 81 3.72 -2.75 -5.45
N ILE A 82 2.72 -3.54 -5.05
CA ILE A 82 1.36 -3.47 -5.65
C ILE A 82 0.48 -2.68 -4.68
N LEU A 83 -0.09 -1.58 -5.16
CA LEU A 83 -1.10 -0.77 -4.45
C LEU A 83 -2.47 -1.06 -5.03
N THR A 84 -3.43 -1.46 -4.19
CA THR A 84 -4.78 -1.87 -4.62
C THR A 84 -5.80 -1.29 -3.64
N GLN A 85 -7.05 -1.32 -4.04
CA GLN A 85 -8.19 -0.86 -3.19
C GLN A 85 -8.49 -1.96 -2.16
N GLY A 86 -9.17 -1.60 -1.08
CA GLY A 86 -9.87 -2.55 -0.21
C GLY A 86 -10.80 -3.45 -1.03
N PRO A 87 -10.70 -4.78 -0.91
CA PRO A 87 -11.57 -5.65 -1.68
C PRO A 87 -13.07 -5.41 -1.41
N LEU A 88 -13.82 -5.60 -2.48
CA LEU A 88 -15.29 -5.58 -2.51
C LEU A 88 -15.83 -6.99 -2.33
N PRO A 89 -17.11 -7.12 -1.90
CA PRO A 89 -17.76 -8.42 -1.85
C PRO A 89 -17.55 -9.24 -3.13
N ASN A 90 -17.60 -8.62 -4.30
CA ASN A 90 -17.42 -9.47 -5.52
C ASN A 90 -15.96 -9.53 -6.00
N THR A 91 -14.98 -8.90 -5.33
CA THR A 91 -13.56 -9.00 -5.77
C THR A 91 -12.67 -9.69 -4.71
N VAL A 92 -13.22 -10.26 -3.64
CA VAL A 92 -12.39 -10.98 -2.62
C VAL A 92 -11.64 -12.14 -3.29
N GLY A 93 -12.27 -12.88 -4.20
CA GLY A 93 -11.62 -14.03 -4.86
C GLY A 93 -10.52 -13.54 -5.80
N HIS A 94 -10.75 -12.40 -6.47
CA HIS A 94 -9.75 -11.78 -7.40
C HIS A 94 -8.52 -11.39 -6.60
N PHE A 95 -8.74 -10.78 -5.44
CA PHE A 95 -7.66 -10.28 -4.56
C PHE A 95 -6.68 -11.42 -4.24
N TRP A 96 -7.20 -12.59 -3.79
CA TRP A 96 -6.37 -13.70 -3.33
C TRP A 96 -5.74 -14.38 -4.57
N GLU A 97 -6.42 -14.36 -5.73
CA GLU A 97 -5.83 -14.83 -6.99
C GLU A 97 -4.57 -14.00 -7.32
N MET A 98 -4.65 -12.68 -7.20
CA MET A 98 -3.53 -11.77 -7.45
C MET A 98 -2.39 -12.11 -6.47
N VAL A 99 -2.67 -12.23 -5.18
CA VAL A 99 -1.60 -12.58 -4.16
C VAL A 99 -0.89 -13.87 -4.60
N TRP A 100 -1.64 -14.87 -5.03
CA TRP A 100 -1.09 -16.16 -5.50
C TRP A 100 -0.22 -15.94 -6.77
N GLU A 101 -0.81 -15.34 -7.80
CA GLU A 101 -0.16 -15.23 -9.14
C GLU A 101 1.10 -14.38 -9.07
N GLN A 102 1.12 -13.32 -8.28
CA GLN A 102 2.29 -12.41 -8.13
C GLN A 102 3.33 -12.91 -7.11
N LYS A 103 3.06 -14.01 -6.41
CA LYS A 103 4.01 -14.66 -5.42
C LYS A 103 4.31 -13.76 -4.24
N SER A 104 3.38 -12.87 -3.86
CA SER A 104 3.53 -12.02 -2.67
C SER A 104 3.65 -12.88 -1.39
N ARG A 105 4.50 -12.44 -0.48
CA ARG A 105 4.73 -13.00 0.86
C ARG A 105 3.84 -12.29 1.90
N GLY A 106 3.63 -10.99 1.73
CA GLY A 106 2.93 -10.10 2.70
C GLY A 106 1.79 -9.32 2.08
N VAL A 107 0.76 -9.07 2.88
CA VAL A 107 -0.34 -8.10 2.63
C VAL A 107 -0.24 -7.08 3.75
N VAL A 108 -0.25 -5.79 3.42
CA VAL A 108 -0.28 -4.65 4.38
C VAL A 108 -1.64 -3.94 4.26
N MET A 109 -2.32 -3.81 5.41
CA MET A 109 -3.69 -3.26 5.51
C MET A 109 -3.62 -2.08 6.46
N LEU A 110 -4.00 -0.89 5.99
CA LEU A 110 -3.80 0.37 6.74
C LEU A 110 -5.17 0.96 7.17
N ASN A 111 -6.25 0.19 7.03
CA ASN A 111 -7.59 0.70 7.43
C ASN A 111 -8.31 -0.34 8.30
N ARG A 112 -9.41 0.06 8.95
CA ARG A 112 -10.35 -0.86 9.64
C ARG A 112 -11.48 -1.18 8.65
N VAL A 113 -12.10 -2.37 8.77
CA VAL A 113 -13.29 -2.79 7.99
C VAL A 113 -14.41 -1.73 8.10
N MET A 114 -14.63 -1.19 9.30
CA MET A 114 -15.59 -0.09 9.47
C MET A 114 -14.86 1.15 10.01
N GLU A 115 -15.10 2.30 9.37
CA GLU A 115 -14.60 3.61 9.87
C GLU A 115 -15.69 4.65 9.60
N LYS A 116 -15.86 5.60 10.52
CA LYS A 116 -16.88 6.68 10.38
C LYS A 116 -18.28 6.06 10.23
N GLY A 117 -18.53 4.88 10.83
CA GLY A 117 -19.85 4.20 10.71
C GLY A 117 -20.20 3.63 9.34
N SER A 118 -19.26 3.50 8.39
CA SER A 118 -19.50 2.89 7.03
C SER A 118 -18.48 1.80 6.74
N LEU A 119 -18.80 0.88 5.85
CA LEU A 119 -17.85 -0.20 5.47
C LEU A 119 -16.79 0.33 4.47
N LYS A 120 -15.51 0.18 4.78
CA LYS A 120 -14.35 0.65 3.97
C LYS A 120 -13.72 -0.49 3.13
N CYS A 121 -13.95 -1.76 3.51
CA CYS A 121 -13.59 -2.96 2.71
C CYS A 121 -14.21 -4.22 3.31
N ALA A 122 -14.29 -5.27 2.52
CA ALA A 122 -14.90 -6.56 2.86
C ALA A 122 -14.04 -7.23 3.94
N GLN A 123 -14.66 -8.09 4.76
CA GLN A 123 -13.99 -8.99 5.74
C GLN A 123 -13.42 -10.14 4.91
N TYR A 124 -12.19 -10.00 4.39
CA TYR A 124 -11.62 -10.86 3.32
C TYR A 124 -10.69 -11.95 3.88
N TRP A 125 -10.50 -12.01 5.21
CA TRP A 125 -9.67 -13.05 5.88
C TRP A 125 -10.48 -13.69 7.02
N PRO A 126 -10.18 -14.97 7.38
CA PRO A 126 -10.89 -15.68 8.45
C PRO A 126 -10.49 -15.23 9.86
N GLN A 127 -11.48 -15.18 10.76
CA GLN A 127 -11.31 -14.59 12.11
C GLN A 127 -11.04 -15.72 13.11
N LYS A 128 -11.35 -16.98 12.75
CA LYS A 128 -11.18 -18.14 13.67
C LYS A 128 -10.51 -19.28 12.95
N GLU A 129 -9.55 -19.90 13.63
CA GLU A 129 -8.76 -21.06 13.11
C GLU A 129 -9.70 -22.07 12.44
N GLU A 130 -10.78 -22.43 13.13
CA GLU A 130 -11.59 -23.58 12.67
C GLU A 130 -12.66 -23.17 11.63
N LYS A 131 -12.75 -21.90 11.23
CA LYS A 131 -13.73 -21.47 10.18
C LYS A 131 -12.98 -20.88 8.97
N GLU A 132 -12.47 -21.75 8.10
CA GLU A 132 -11.64 -21.33 6.96
C GLU A 132 -12.56 -20.70 5.87
N MET A 133 -11.99 -19.97 4.91
CA MET A 133 -12.78 -19.36 3.80
C MET A 133 -12.40 -20.09 2.52
N ILE A 134 -13.38 -20.29 1.67
CA ILE A 134 -13.20 -20.85 0.31
C ILE A 134 -13.76 -19.83 -0.69
N PHE A 135 -12.97 -19.49 -1.72
CA PHE A 135 -13.35 -18.56 -2.81
C PHE A 135 -13.58 -19.44 -4.04
N GLU A 136 -14.85 -19.72 -4.33
CA GLU A 136 -15.21 -20.76 -5.34
C GLU A 136 -14.89 -20.24 -6.74
N ASP A 137 -15.06 -18.94 -6.97
CA ASP A 137 -14.81 -18.30 -8.29
C ASP A 137 -13.33 -18.46 -8.68
N THR A 138 -12.36 -18.44 -7.74
CA THR A 138 -10.89 -18.54 -8.04
C THR A 138 -10.26 -19.84 -7.48
N ASN A 139 -11.05 -20.73 -6.87
CA ASN A 139 -10.56 -22.07 -6.45
C ASN A 139 -9.40 -21.95 -5.46
N LEU A 140 -9.53 -21.10 -4.44
CA LEU A 140 -8.51 -20.90 -3.36
C LEU A 140 -9.14 -21.19 -1.99
N LYS A 141 -8.30 -21.60 -1.02
CA LYS A 141 -8.74 -21.77 0.38
C LYS A 141 -7.77 -21.01 1.27
N LEU A 142 -8.31 -20.36 2.29
CA LEU A 142 -7.58 -19.45 3.20
C LEU A 142 -7.91 -19.85 4.64
N THR A 143 -6.88 -20.12 5.44
CA THR A 143 -6.99 -20.56 6.85
C THR A 143 -6.20 -19.65 7.79
N LEU A 144 -6.83 -19.20 8.88
CA LEU A 144 -6.06 -18.48 9.93
C LEU A 144 -5.21 -19.53 10.70
N ILE A 145 -3.90 -19.31 10.78
CA ILE A 145 -2.92 -20.19 11.47
C ILE A 145 -2.65 -19.61 12.86
N SER A 146 -2.37 -18.31 12.97
CA SER A 146 -2.06 -17.65 14.26
C SER A 146 -2.31 -16.15 14.13
N GLU A 147 -2.37 -15.47 15.26
CA GLU A 147 -2.75 -14.04 15.39
C GLU A 147 -1.95 -13.49 16.56
N ASP A 148 -1.23 -12.38 16.36
CA ASP A 148 -0.47 -11.66 17.42
C ASP A 148 -0.99 -10.22 17.45
N ILE A 149 -1.78 -9.89 18.46
CA ILE A 149 -2.49 -8.58 18.59
C ILE A 149 -1.67 -7.69 19.52
N LYS A 150 -1.16 -6.56 19.00
CA LYS A 150 -0.41 -5.55 19.78
C LYS A 150 -1.23 -4.28 19.83
N SER A 151 -0.68 -3.24 20.45
CA SER A 151 -1.41 -1.97 20.73
C SER A 151 -1.71 -1.19 19.44
N TYR A 152 -0.81 -1.20 18.45
CA TYR A 152 -0.89 -0.31 17.26
C TYR A 152 -1.12 -1.12 15.98
N TYR A 153 -0.90 -2.44 16.04
CA TYR A 153 -1.02 -3.32 14.85
C TYR A 153 -1.22 -4.76 15.32
N THR A 154 -1.70 -5.59 14.40
CA THR A 154 -1.86 -7.05 14.53
C THR A 154 -1.15 -7.74 13.37
N VAL A 155 -0.42 -8.80 13.65
CA VAL A 155 0.22 -9.66 12.63
C VAL A 155 -0.48 -11.01 12.65
N ARG A 156 -0.87 -11.49 11.49
CA ARG A 156 -1.57 -12.79 11.32
C ARG A 156 -0.77 -13.66 10.35
N GLN A 157 -0.61 -14.94 10.70
CA GLN A 157 -0.10 -15.98 9.79
C GLN A 157 -1.29 -16.67 9.13
N LEU A 158 -1.32 -16.72 7.80
CA LEU A 158 -2.41 -17.29 7.00
C LEU A 158 -1.81 -18.38 6.13
N GLU A 159 -2.62 -19.34 5.75
CA GLU A 159 -2.26 -20.39 4.79
C GLU A 159 -3.21 -20.28 3.60
N LEU A 160 -2.64 -20.03 2.43
CA LEU A 160 -3.38 -19.91 1.16
C LEU A 160 -3.08 -21.17 0.34
N GLU A 161 -4.13 -21.87 -0.08
CA GLU A 161 -4.02 -23.15 -0.80
C GLU A 161 -4.64 -23.00 -2.18
N ASN A 162 -3.88 -23.35 -3.21
CA ASN A 162 -4.37 -23.43 -4.60
C ASN A 162 -5.07 -24.78 -4.76
N LEU A 163 -6.41 -24.81 -4.63
CA LEU A 163 -7.19 -26.07 -4.59
C LEU A 163 -7.00 -26.88 -5.88
N THR A 164 -6.52 -26.23 -6.95
CA THR A 164 -6.30 -26.84 -8.28
C THR A 164 -5.06 -27.76 -8.25
N THR A 165 -4.00 -27.39 -7.53
CA THR A 165 -2.69 -28.07 -7.51
C THR A 165 -2.38 -28.59 -6.11
N GLN A 166 -3.04 -28.05 -5.09
CA GLN A 166 -2.85 -28.44 -3.67
C GLN A 166 -1.50 -27.94 -3.17
N GLU A 167 -0.85 -27.02 -3.88
CA GLU A 167 0.26 -26.22 -3.28
C GLU A 167 -0.35 -25.31 -2.21
N THR A 168 0.44 -25.00 -1.19
CA THR A 168 0.13 -24.07 -0.09
C THR A 168 1.29 -23.09 0.06
N ARG A 169 0.99 -21.89 0.55
CA ARG A 169 1.98 -20.88 0.93
C ARG A 169 1.52 -20.22 2.23
N GLU A 170 2.48 -19.79 3.02
CA GLU A 170 2.31 -18.91 4.19
C GLU A 170 2.31 -17.44 3.71
N ILE A 171 1.22 -16.70 3.98
CA ILE A 171 1.07 -15.24 3.76
C ILE A 171 1.03 -14.58 5.14
N LEU A 172 1.81 -13.54 5.35
CA LEU A 172 1.75 -12.66 6.52
C LEU A 172 0.83 -11.45 6.26
N HIS A 173 -0.15 -11.24 7.13
CA HIS A 173 -1.08 -10.09 7.13
C HIS A 173 -0.62 -9.09 8.17
N PHE A 174 -0.15 -7.91 7.76
CA PHE A 174 0.24 -6.81 8.65
C PHE A 174 -0.87 -5.79 8.66
N HIS A 175 -1.56 -5.66 9.79
CA HIS A 175 -2.78 -4.84 9.91
C HIS A 175 -2.49 -3.69 10.84
N TYR A 176 -2.32 -2.49 10.30
CA TYR A 176 -2.16 -1.27 11.13
C TYR A 176 -3.57 -0.81 11.55
N THR A 177 -3.88 -0.86 12.83
CA THR A 177 -5.29 -0.76 13.34
C THR A 177 -5.62 0.59 13.97
N THR A 178 -4.68 1.52 14.12
CA THR A 178 -4.85 2.76 14.91
C THR A 178 -4.76 4.04 14.07
N TRP A 179 -4.79 3.99 12.73
CA TRP A 179 -4.85 5.27 11.96
C TRP A 179 -6.19 5.93 12.31
N PRO A 180 -6.21 7.22 12.71
CA PRO A 180 -7.47 7.85 13.11
C PRO A 180 -8.46 8.03 11.96
N ASP A 181 -9.75 8.00 12.31
CA ASP A 181 -10.92 8.22 11.41
C ASP A 181 -10.75 9.54 10.65
N PHE A 182 -10.24 10.62 11.27
CA PHE A 182 -9.96 11.92 10.60
C PHE A 182 -8.49 12.34 10.81
N GLY A 183 -7.91 13.04 9.82
CA GLY A 183 -6.53 13.51 9.89
C GLY A 183 -5.50 12.38 9.82
N VAL A 184 -4.35 12.58 10.47
CA VAL A 184 -3.16 11.69 10.39
C VAL A 184 -2.64 11.53 11.81
N PRO A 185 -1.83 10.50 12.14
CA PRO A 185 -1.34 10.36 13.51
C PRO A 185 -0.56 11.62 13.91
N GLU A 186 -0.53 11.91 15.21
CA GLU A 186 0.18 13.10 15.74
C GLU A 186 1.69 12.88 15.67
N SER A 187 2.14 11.66 15.97
CA SER A 187 3.55 11.18 15.91
C SER A 187 3.68 10.02 14.90
N PRO A 188 4.79 9.94 14.14
CA PRO A 188 5.01 8.85 13.19
C PRO A 188 5.67 7.63 13.83
N ALA A 189 5.92 7.72 15.13
CA ALA A 189 6.66 6.66 15.86
C ALA A 189 6.04 5.30 15.57
N SER A 190 4.74 5.16 15.74
CA SER A 190 4.08 3.82 15.67
C SER A 190 4.01 3.37 14.20
N PHE A 191 3.78 4.29 13.27
CA PHE A 191 3.85 4.02 11.81
C PHE A 191 5.23 3.46 11.38
N LEU A 192 6.33 4.09 11.81
CA LEU A 192 7.70 3.69 11.36
C LEU A 192 8.02 2.30 11.91
N ASN A 193 7.80 2.07 13.21
CA ASN A 193 7.98 0.73 13.84
C ASN A 193 7.30 -0.34 12.97
N PHE A 194 6.07 -0.08 12.52
CA PHE A 194 5.25 -1.03 11.72
C PHE A 194 6.00 -1.37 10.44
N LEU A 195 6.44 -0.37 9.68
CA LEU A 195 7.21 -0.61 8.42
C LEU A 195 8.36 -1.56 8.75
N PHE A 196 9.12 -1.29 9.80
CA PHE A 196 10.32 -2.12 10.13
C PHE A 196 9.84 -3.54 10.43
N LYS A 197 8.60 -3.69 10.92
CA LYS A 197 8.02 -5.02 11.22
C LYS A 197 7.70 -5.74 9.92
N VAL A 198 7.26 -5.02 8.89
CA VAL A 198 7.03 -5.64 7.54
C VAL A 198 8.43 -5.95 6.97
N ARG A 199 9.31 -4.96 7.00
CA ARG A 199 10.72 -5.09 6.55
C ARG A 199 11.32 -6.37 7.15
N GLU A 200 11.38 -6.42 8.48
CA GLU A 200 11.98 -7.54 9.24
C GLU A 200 11.45 -8.88 8.72
N SER A 201 10.20 -8.91 8.26
CA SER A 201 9.51 -10.17 7.87
C SER A 201 10.13 -10.78 6.61
N GLY A 202 10.87 -9.99 5.83
CA GLY A 202 11.24 -10.39 4.45
C GLY A 202 10.19 -10.09 3.39
N SER A 203 9.02 -9.54 3.73
CA SER A 203 7.90 -9.31 2.78
C SER A 203 8.25 -8.27 1.68
N LEU A 204 9.25 -7.40 1.94
CA LEU A 204 9.64 -6.29 1.02
C LEU A 204 10.87 -6.65 0.21
N SER A 205 11.35 -7.89 0.33
CA SER A 205 12.68 -8.32 -0.17
C SER A 205 12.56 -8.98 -1.55
N PRO A 206 13.63 -8.94 -2.37
CA PRO A 206 13.56 -9.38 -3.76
C PRO A 206 13.43 -10.90 -3.96
N GLU A 207 13.60 -11.70 -2.92
CA GLU A 207 13.34 -13.14 -3.09
C GLU A 207 11.83 -13.45 -3.12
N HIS A 208 10.94 -12.51 -2.87
CA HIS A 208 9.49 -12.72 -3.01
C HIS A 208 8.96 -11.83 -4.14
N GLY A 209 7.79 -12.12 -4.66
CA GLY A 209 6.93 -11.15 -5.36
C GLY A 209 6.69 -9.87 -4.56
N PRO A 210 6.18 -8.80 -5.21
CA PRO A 210 5.91 -7.53 -4.53
C PRO A 210 4.88 -7.67 -3.40
N VAL A 211 5.11 -6.93 -2.33
CA VAL A 211 4.11 -6.75 -1.26
C VAL A 211 2.80 -6.14 -1.82
N VAL A 212 1.64 -6.59 -1.33
CA VAL A 212 0.32 -6.02 -1.71
C VAL A 212 -0.03 -5.04 -0.60
N VAL A 213 -0.17 -3.75 -0.92
CA VAL A 213 -0.58 -2.73 0.08
C VAL A 213 -1.94 -2.09 -0.26
N HIS A 214 -2.80 -1.92 0.74
CA HIS A 214 -4.15 -1.32 0.55
C HIS A 214 -4.65 -0.54 1.77
N CYS A 215 -5.53 0.41 1.50
CA CYS A 215 -6.37 1.11 2.47
C CYS A 215 -7.80 1.01 1.92
N SER A 216 -8.60 2.08 1.92
CA SER A 216 -9.92 2.00 1.24
C SER A 216 -9.75 2.19 -0.27
N ALA A 217 -9.18 3.31 -0.73
CA ALA A 217 -9.00 3.57 -2.18
C ALA A 217 -7.64 3.05 -2.69
N GLY A 218 -6.68 2.82 -1.80
CA GLY A 218 -5.32 2.37 -2.19
C GLY A 218 -4.42 3.47 -2.79
N ILE A 219 -4.57 4.72 -2.32
CA ILE A 219 -3.74 5.89 -2.78
C ILE A 219 -3.27 6.73 -1.60
N GLY A 220 -4.09 6.90 -0.55
CA GLY A 220 -3.78 7.82 0.57
C GLY A 220 -2.78 7.27 1.56
N ARG A 221 -3.27 6.57 2.59
CA ARG A 221 -2.41 5.84 3.56
C ARG A 221 -1.42 4.90 2.82
N SER A 222 -1.89 4.16 1.82
CA SER A 222 -1.06 3.26 0.98
C SER A 222 0.11 4.06 0.37
N GLY A 223 -0.18 5.26 -0.16
CA GLY A 223 0.85 6.14 -0.73
C GLY A 223 1.93 6.51 0.30
N THR A 224 1.51 6.86 1.49
CA THR A 224 2.39 7.25 2.62
C THR A 224 3.35 6.10 2.96
N PHE A 225 2.85 4.88 3.03
CA PHE A 225 3.64 3.69 3.36
C PHE A 225 4.80 3.54 2.33
N CYS A 226 4.50 3.52 1.03
CA CYS A 226 5.58 3.20 0.03
C CYS A 226 6.48 4.42 -0.23
N LEU A 227 6.00 5.66 -0.13
CA LEU A 227 6.84 6.87 -0.20
C LEU A 227 7.90 6.86 0.94
N ALA A 228 7.48 6.59 2.17
CA ALA A 228 8.42 6.60 3.32
C ALA A 228 9.45 5.48 3.15
N ASP A 229 9.02 4.28 2.84
CA ASP A 229 9.95 3.12 2.69
C ASP A 229 11.03 3.47 1.65
N THR A 230 10.61 3.93 0.46
CA THR A 230 11.52 4.21 -0.68
C THR A 230 12.48 5.34 -0.27
N CYS A 231 11.97 6.41 0.33
CA CYS A 231 12.82 7.57 0.69
C CYS A 231 13.97 7.13 1.64
N LEU A 232 13.65 6.28 2.62
CA LEU A 232 14.61 5.86 3.67
C LEU A 232 15.66 4.92 3.07
N LEU A 233 15.30 4.16 2.03
CA LEU A 233 16.22 3.16 1.42
C LEU A 233 17.25 3.89 0.56
N LEU A 234 16.82 4.96 -0.13
CA LEU A 234 17.71 5.82 -0.96
C LEU A 234 18.69 6.58 -0.06
N MET A 235 18.22 7.06 1.09
CA MET A 235 19.06 7.74 2.11
C MET A 235 20.15 6.77 2.59
N ASP A 236 20.02 5.49 2.29
CA ASP A 236 20.96 4.44 2.80
C ASP A 236 22.08 4.18 1.78
N LYS A 237 21.76 4.16 0.48
CA LYS A 237 22.74 3.68 -0.55
C LYS A 237 23.40 4.87 -1.24
N ARG A 238 23.08 6.11 -0.84
CA ARG A 238 23.57 7.35 -1.50
C ARG A 238 24.62 8.06 -0.61
N LYS A 239 25.72 8.53 -1.20
CA LYS A 239 26.83 9.20 -0.47
C LYS A 239 26.28 10.43 0.26
N ASP A 240 25.36 11.17 -0.36
CA ASP A 240 24.74 12.36 0.27
C ASP A 240 23.26 12.10 0.52
N PRO A 241 22.89 11.58 1.71
CA PRO A 241 21.49 11.40 2.09
C PRO A 241 20.60 12.65 1.90
N SER A 242 21.22 13.83 1.78
CA SER A 242 20.53 15.14 1.65
C SER A 242 20.08 15.34 0.19
N SER A 243 20.50 14.46 -0.73
CA SER A 243 20.09 14.46 -2.16
C SER A 243 18.62 14.09 -2.31
N VAL A 244 18.06 13.39 -1.32
CA VAL A 244 16.75 12.68 -1.47
C VAL A 244 15.66 13.74 -1.48
N ASP A 245 14.98 13.84 -2.61
CA ASP A 245 13.91 14.84 -2.91
C ASP A 245 12.56 14.11 -2.78
N ILE A 246 11.90 14.24 -1.62
CA ILE A 246 10.68 13.48 -1.29
C ILE A 246 9.61 13.75 -2.38
N LYS A 247 9.46 15.00 -2.82
CA LYS A 247 8.46 15.41 -3.85
C LYS A 247 8.76 14.75 -5.20
N LYS A 248 10.01 14.76 -5.67
CA LYS A 248 10.39 14.16 -6.97
C LYS A 248 10.23 12.64 -6.89
N VAL A 249 10.48 12.03 -5.72
CA VAL A 249 10.22 10.57 -5.54
C VAL A 249 8.70 10.34 -5.69
N LEU A 250 7.90 11.22 -5.09
CA LEU A 250 6.43 11.09 -5.12
C LEU A 250 5.91 11.28 -6.56
N LEU A 251 6.55 12.12 -7.39
CA LEU A 251 6.07 12.30 -8.79
C LEU A 251 6.45 11.08 -9.62
N GLU A 252 7.60 10.45 -9.34
CA GLU A 252 8.01 9.18 -10.01
C GLU A 252 6.97 8.09 -9.70
N MET A 253 6.50 8.01 -8.45
CA MET A 253 5.52 6.98 -8.02
C MET A 253 4.15 7.27 -8.64
N ARG A 254 3.80 8.56 -8.83
CA ARG A 254 2.52 8.97 -9.47
C ARG A 254 2.55 8.68 -10.98
N LYS A 255 3.70 8.37 -11.56
CA LYS A 255 3.66 7.84 -12.94
C LYS A 255 3.01 6.44 -13.04
N PHE A 256 2.90 5.71 -11.91
CA PHE A 256 2.44 4.30 -11.91
C PHE A 256 1.00 4.16 -11.37
N ARG A 257 0.60 5.03 -10.43
CA ARG A 257 -0.80 5.06 -9.90
C ARG A 257 -1.17 6.51 -9.58
N MET A 258 -2.37 6.95 -9.97
CA MET A 258 -2.89 8.33 -9.75
C MET A 258 -3.16 8.58 -8.25
N GLY A 259 -3.00 9.82 -7.82
CA GLY A 259 -3.57 10.36 -6.56
C GLY A 259 -2.80 10.01 -5.28
N LEU A 260 -1.62 9.39 -5.39
CA LEU A 260 -0.83 8.93 -4.21
C LEU A 260 -0.59 10.15 -3.31
N ILE A 261 -1.03 10.05 -2.04
CA ILE A 261 -1.04 11.14 -1.03
C ILE A 261 -2.25 12.02 -1.34
N GLN A 262 -3.29 11.91 -0.52
CA GLN A 262 -4.65 12.45 -0.86
C GLN A 262 -4.83 13.86 -0.28
N THR A 263 -4.00 14.29 0.65
CA THR A 263 -4.18 15.60 1.37
C THR A 263 -2.81 16.19 1.72
N ALA A 264 -2.81 17.50 1.98
CA ALA A 264 -1.62 18.26 2.43
C ALA A 264 -1.18 17.78 3.82
N ASP A 265 -2.09 17.33 4.69
CA ASP A 265 -1.74 16.70 5.99
C ASP A 265 -1.01 15.36 5.81
N GLN A 266 -1.40 14.54 4.84
CA GLN A 266 -0.70 13.26 4.51
C GLN A 266 0.72 13.60 3.98
N LEU A 267 0.84 14.64 3.17
CA LEU A 267 2.16 15.06 2.61
C LEU A 267 3.07 15.47 3.78
N ARG A 268 2.56 16.31 4.70
CA ARG A 268 3.36 16.74 5.87
C ARG A 268 3.75 15.53 6.73
N PHE A 269 2.82 14.62 6.98
CA PHE A 269 3.06 13.40 7.80
C PHE A 269 4.17 12.54 7.14
N SER A 270 4.22 12.47 5.81
CA SER A 270 5.24 11.70 5.03
C SER A 270 6.62 12.32 5.30
N TYR A 271 6.72 13.64 5.25
CA TYR A 271 7.98 14.35 5.60
C TYR A 271 8.43 13.95 7.00
N LEU A 272 7.52 14.05 7.99
CA LEU A 272 7.82 13.79 9.43
C LEU A 272 8.32 12.37 9.60
N ALA A 273 7.64 11.39 8.98
CA ALA A 273 8.05 9.97 9.06
C ALA A 273 9.48 9.79 8.53
N VAL A 274 9.79 10.34 7.37
CA VAL A 274 11.13 10.16 6.74
C VAL A 274 12.19 10.85 7.62
N ILE A 275 11.92 12.08 8.04
CA ILE A 275 12.87 12.87 8.89
C ILE A 275 13.17 12.08 10.16
N GLU A 276 12.13 11.55 10.81
CA GLU A 276 12.30 10.85 12.09
C GLU A 276 12.98 9.49 11.84
N GLY A 277 12.53 8.76 10.81
CA GLY A 277 13.04 7.41 10.51
C GLY A 277 14.51 7.40 10.15
N ALA A 278 15.08 8.56 9.80
CA ALA A 278 16.45 8.69 9.23
C ALA A 278 17.49 8.79 10.35
N LYS A 279 17.07 9.09 11.58
CA LYS A 279 17.99 9.34 12.72
C LYS A 279 18.51 7.99 13.25
N PHE A 280 17.71 6.92 13.12
CA PHE A 280 18.03 5.56 13.60
C PHE A 280 18.56 4.72 12.41
N ILE A 281 18.73 5.35 11.24
CA ILE A 281 19.25 4.73 9.98
C ILE A 281 20.68 5.23 9.73
N MET A 282 20.84 6.55 9.61
CA MET A 282 22.19 7.20 9.61
C MET A 282 22.99 6.85 10.87
N GLY A 283 22.60 5.78 11.60
CA GLY A 283 23.54 4.97 12.39
C GLY A 283 23.17 4.88 13.86
N ASP A 284 22.00 5.41 14.21
CA ASP A 284 21.56 5.45 15.63
C ASP A 284 20.72 4.19 15.89
C TRS B . 5.71 -0.60 -18.55
C1 TRS B . 4.98 0.52 -17.80
C2 TRS B . 7.23 -0.36 -18.59
C3 TRS B . 5.15 -0.72 -19.96
N TRS B . 5.48 -1.93 -17.86
O1 TRS B . 4.96 0.34 -16.36
O2 TRS B . 7.65 0.53 -17.56
O3 TRS B . 3.74 -1.04 -19.93
H11 TRS B . 4.06 0.56 -18.11
H12 TRS B . 5.41 1.38 -18.00
H21 TRS B . 7.48 0.01 -19.45
H22 TRS B . 7.69 -1.22 -18.46
H31 TRS B . 5.64 -1.42 -20.44
H32 TRS B . 5.29 0.13 -20.43
HN1 TRS B . 5.38 -2.60 -18.47
HN2 TRS B . 4.72 -1.90 -17.36
HN3 TRS B . 6.17 -2.14 -17.31
HO1 TRS B . 4.46 0.95 -15.83
HO2 TRS B . 8.36 0.72 -17.28
HO3 TRS B . 3.56 -1.48 -19.23
C10 A1ABF C . 16.24 14.04 -8.82
C15 A1ABF C . 15.12 8.00 -7.07
C02 A1ABF C . 14.07 5.80 -6.99
C03 A1ABF C . 14.02 7.18 -7.32
C04 A1ABF C . 12.87 7.75 -7.90
C05 A1ABF C . 12.81 9.12 -8.22
C06 A1ABF C . 13.91 9.94 -7.96
C08 A1ABF C . 14.82 12.26 -7.99
C09 A1ABF C . 15.27 13.06 -9.09
C11 A1ABF C . 16.75 14.24 -7.52
C12 A1ABF C . 16.24 13.42 -6.49
C14 A1ABF C . 15.07 9.37 -7.38
N01 A1ABF C . 14.14 4.67 -6.75
N13 A1ABF C . 15.29 12.44 -6.71
O07 A1ABF C . 13.84 11.30 -8.28
H101 A1ABF C . 16.63 14.67 -9.65
H151 A1ABF C . 16.01 7.57 -6.62
H041 A1ABF C . 12.02 7.10 -8.09
H051 A1ABF C . 11.88 9.50 -8.66
H091 A1ABF C . 14.90 12.93 -10.10
H111 A1ABF C . 17.50 15.00 -7.31
H121 A1ABF C . 16.59 13.52 -5.46
H141 A1ABF C . 15.93 9.97 -7.17
#